data_1IT6
#
_entry.id   1IT6
#
_cell.length_a   98.090
_cell.length_b   136.360
_cell.length_c   61.580
_cell.angle_alpha   90.00
_cell.angle_beta   90.00
_cell.angle_gamma   90.00
#
_symmetry.space_group_name_H-M   'P 21 21 2'
#
loop_
_entity.id
_entity.type
_entity.pdbx_description
1 polymer 'SERINE/THREONINE PROTEIN PHOSPHATASE 1 GAMMA (PP1-GAMMA) CATALYTIC SUBUNIT'
2 non-polymer 'MANGANESE (II) ION'
3 non-polymer 'CALYCULIN A'
4 water water
#
_entity_poly.entity_id   1
_entity_poly.type   'polypeptide(L)'
_entity_poly.pdbx_seq_one_letter_code
;MADLDKLNIDSIIQRLLEVRGSKPGKNVQLQENEIRGLCLKSREIFLSQPILLELEAPLKICGDIHGQYYDLLRLFEYGG
FPPESNYLFLGDYVDRGKQSLETICLLLAYKIKYPENFFLLRGNHECASINRIYGFYDECKRRYNIKLWKTFTDCFNCLP
IAAIVDEKIFCCHGGLSPDLQSMEQIRRIMRPTDVPDQGLLCDLLWSDPDKDVLGWGENDRGVSFTFGAEVVAKFLHKHD
LDLICRAHQVVEDGYEFFAKRQLVTLFSAPNYCGEFDNAGAMMSVDETLMCSFQILKPAEKKKPNATRPVTPPRGMITKQ
AKK
;
_entity_poly.pdbx_strand_id   A,B
#
loop_
_chem_comp.id
_chem_comp.type
_chem_comp.name
_chem_comp.formula
CYU non-polymer 'CALYCULIN A' 'C50 H81 N4 O15 P'
MN non-polymer 'MANGANESE (II) ION' 'Mn 2'
#
# COMPACT_ATOMS: atom_id res chain seq x y z
N LEU A 7 -16.19 37.01 -9.04
CA LEU A 7 -15.21 35.93 -8.74
C LEU A 7 -15.64 35.26 -7.44
N ASN A 8 -16.20 34.06 -7.54
CA ASN A 8 -16.66 33.34 -6.35
C ASN A 8 -15.54 32.46 -5.75
N ILE A 9 -14.66 33.09 -4.99
CA ILE A 9 -13.51 32.42 -4.36
C ILE A 9 -13.83 31.15 -3.57
N ASP A 10 -14.89 31.19 -2.77
CA ASP A 10 -15.26 30.03 -1.96
C ASP A 10 -15.65 28.83 -2.79
N SER A 11 -16.29 29.08 -3.94
CA SER A 11 -16.70 28.00 -4.82
C SER A 11 -15.46 27.37 -5.44
N ILE A 12 -14.50 28.22 -5.80
CA ILE A 12 -13.26 27.78 -6.40
C ILE A 12 -12.45 26.92 -5.42
N ILE A 13 -12.27 27.41 -4.21
CA ILE A 13 -11.53 26.66 -3.21
C ILE A 13 -12.18 25.33 -2.89
N GLN A 14 -13.51 25.35 -2.74
CA GLN A 14 -14.22 24.11 -2.44
C GLN A 14 -14.09 23.10 -3.58
N ARG A 15 -14.16 23.57 -4.81
CA ARG A 15 -14.01 22.66 -5.94
C ARG A 15 -12.62 22.06 -5.98
N LEU A 16 -11.61 22.88 -5.71
CA LEU A 16 -10.23 22.42 -5.71
C LEU A 16 -9.94 21.43 -4.58
N LEU A 17 -10.59 21.61 -3.44
CA LEU A 17 -10.38 20.72 -2.31
C LEU A 17 -11.19 19.44 -2.34
N GLU A 18 -12.19 19.39 -3.22
CA GLU A 18 -13.05 18.21 -3.32
C GLU A 18 -12.25 16.98 -3.69
N VAL A 19 -11.18 17.16 -4.44
CA VAL A 19 -10.33 16.04 -4.85
C VAL A 19 -9.60 15.39 -3.67
N ARG A 20 -9.74 15.94 -2.46
CA ARG A 20 -9.10 15.36 -1.29
C ARG A 20 -9.55 13.93 -1.14
N GLY A 21 -8.72 13.12 -0.48
CA GLY A 21 -9.05 11.72 -0.27
C GLY A 21 -9.30 10.94 -1.55
N SER A 22 -8.76 11.44 -2.66
CA SER A 22 -8.95 10.76 -3.94
C SER A 22 -7.58 10.28 -4.45
N LYS A 23 -7.60 9.64 -5.61
CA LYS A 23 -6.38 9.12 -6.22
C LYS A 23 -5.70 10.19 -7.05
N PRO A 24 -4.41 10.42 -6.77
CA PRO A 24 -3.60 11.42 -7.49
C PRO A 24 -3.77 11.34 -9.00
N GLY A 25 -3.96 12.49 -9.62
CA GLY A 25 -4.14 12.52 -11.05
C GLY A 25 -5.49 13.11 -11.40
N LYS A 26 -6.48 12.94 -10.53
CA LYS A 26 -7.80 13.49 -10.78
C LYS A 26 -7.69 15.01 -10.92
N ASN A 27 -8.15 15.52 -12.06
CA ASN A 27 -8.09 16.95 -12.34
C ASN A 27 -9.30 17.70 -11.79
N VAL A 28 -9.18 19.02 -11.79
CA VAL A 28 -10.24 19.91 -11.35
C VAL A 28 -10.26 20.87 -12.52
N GLN A 29 -11.36 20.90 -13.25
CA GLN A 29 -11.41 21.78 -14.41
C GLN A 29 -12.23 23.02 -14.12
N LEU A 30 -11.52 24.08 -13.73
CA LEU A 30 -12.14 25.37 -13.44
C LEU A 30 -12.44 26.05 -14.76
N GLN A 31 -13.36 27.00 -14.77
CA GLN A 31 -13.68 27.71 -15.99
C GLN A 31 -12.52 28.64 -16.29
N GLU A 32 -12.25 28.87 -17.57
CA GLU A 32 -11.14 29.73 -17.98
C GLU A 32 -11.19 31.13 -17.37
N ASN A 33 -12.37 31.74 -17.36
CA ASN A 33 -12.53 33.08 -16.82
C ASN A 33 -12.19 33.13 -15.33
N GLU A 34 -12.45 32.02 -14.63
CA GLU A 34 -12.17 31.95 -13.20
C GLU A 34 -10.67 32.01 -12.97
N ILE A 35 -9.93 31.20 -13.72
CA ILE A 35 -8.47 31.17 -13.60
C ILE A 35 -7.89 32.54 -13.96
N ARG A 36 -8.37 33.11 -15.05
CA ARG A 36 -7.93 34.43 -15.47
C ARG A 36 -8.19 35.39 -14.32
N GLY A 37 -9.35 35.23 -13.68
CA GLY A 37 -9.73 36.08 -12.56
C GLY A 37 -8.76 35.97 -11.39
N LEU A 38 -8.38 34.76 -11.03
CA LEU A 38 -7.43 34.55 -9.95
C LEU A 38 -6.13 35.27 -10.24
N CYS A 39 -5.66 35.21 -11.49
CA CYS A 39 -4.41 35.85 -11.86
C CYS A 39 -4.47 37.36 -11.74
N LEU A 40 -5.55 37.94 -12.23
CA LEU A 40 -5.69 39.39 -12.17
C LEU A 40 -5.93 39.92 -10.76
N LYS A 41 -6.71 39.20 -9.97
CA LYS A 41 -6.99 39.62 -8.60
C LYS A 41 -5.77 39.49 -7.70
N SER A 42 -5.07 38.36 -7.81
CA SER A 42 -3.89 38.14 -6.99
C SER A 42 -2.80 39.14 -7.35
N ARG A 43 -2.65 39.43 -8.65
CA ARG A 43 -1.65 40.38 -9.11
C ARG A 43 -1.87 41.72 -8.42
N GLU A 44 -3.12 42.14 -8.35
CA GLU A 44 -3.47 43.39 -7.71
C GLU A 44 -2.96 43.39 -6.26
N ILE A 45 -3.16 42.28 -5.56
CA ILE A 45 -2.73 42.17 -4.17
C ILE A 45 -1.22 42.14 -4.04
N PHE A 46 -0.54 41.41 -4.93
CA PHE A 46 0.92 41.35 -4.88
C PHE A 46 1.52 42.74 -4.96
N LEU A 47 1.00 43.55 -5.88
CA LEU A 47 1.50 44.91 -6.05
C LEU A 47 1.24 45.86 -4.90
N SER A 48 0.24 45.56 -4.08
CA SER A 48 -0.09 46.43 -2.95
C SER A 48 0.75 46.10 -1.72
N GLN A 49 1.39 44.94 -1.72
CA GLN A 49 2.23 44.54 -0.59
C GLN A 49 3.68 44.67 -1.03
N PRO A 50 4.62 44.91 -0.08
CA PRO A 50 6.04 45.08 -0.35
C PRO A 50 6.70 43.96 -1.16
N ILE A 51 7.79 44.27 -1.82
CA ILE A 51 8.51 43.27 -2.59
C ILE A 51 9.38 42.46 -1.63
N LEU A 52 9.65 43.06 -0.47
CA LEU A 52 10.42 42.42 0.59
C LEU A 52 9.48 42.39 1.78
N LEU A 53 8.82 41.27 1.98
CA LEU A 53 7.87 41.11 3.06
C LEU A 53 8.44 41.12 4.47
N GLU A 54 7.68 41.69 5.39
CA GLU A 54 8.06 41.74 6.79
C GLU A 54 6.95 40.99 7.51
N LEU A 55 7.25 39.75 7.86
CA LEU A 55 6.26 38.89 8.50
C LEU A 55 6.52 38.62 9.97
N GLU A 56 5.52 38.07 10.64
CA GLU A 56 5.62 37.74 12.04
C GLU A 56 5.24 36.30 12.24
N ALA A 57 5.92 35.65 13.18
CA ALA A 57 5.63 34.26 13.48
C ALA A 57 4.42 34.32 14.40
N PRO A 58 3.70 33.20 14.57
CA PRO A 58 3.94 31.88 13.99
C PRO A 58 3.54 31.74 12.53
N LEU A 59 4.30 30.90 11.82
CA LEU A 59 4.01 30.60 10.42
C LEU A 59 4.70 29.32 9.98
N LYS A 60 4.14 28.72 8.94
CA LYS A 60 4.68 27.50 8.37
C LYS A 60 5.32 27.94 7.06
N ILE A 61 6.50 27.42 6.79
CA ILE A 61 7.25 27.77 5.58
C ILE A 61 7.41 26.50 4.76
N CYS A 62 7.12 26.61 3.46
CA CYS A 62 7.21 25.48 2.56
C CYS A 62 8.12 25.75 1.38
N GLY A 63 8.84 24.72 0.96
CA GLY A 63 9.74 24.81 -0.16
C GLY A 63 9.06 24.47 -1.48
N ASP A 64 9.83 24.02 -2.45
CA ASP A 64 9.34 23.69 -3.78
C ASP A 64 8.16 22.72 -3.84
N ILE A 65 7.18 23.03 -4.69
CA ILE A 65 5.99 22.19 -4.85
C ILE A 65 5.98 21.51 -6.20
N HIS A 66 6.34 22.26 -7.24
CA HIS A 66 6.41 21.74 -8.60
C HIS A 66 5.24 20.92 -9.12
N GLY A 67 4.05 21.51 -9.07
CA GLY A 67 2.85 20.86 -9.58
C GLY A 67 2.41 19.55 -8.96
N GLN A 68 2.98 19.17 -7.83
CA GLN A 68 2.57 17.93 -7.18
C GLN A 68 1.41 18.23 -6.27
N TYR A 69 0.28 18.57 -6.89
CA TYR A 69 -0.95 18.94 -6.20
C TYR A 69 -1.38 18.06 -5.03
N TYR A 70 -1.35 16.76 -5.21
CA TYR A 70 -1.77 15.88 -4.12
C TYR A 70 -0.86 15.93 -2.91
N ASP A 71 0.39 16.35 -3.13
CA ASP A 71 1.30 16.47 -2.00
C ASP A 71 1.05 17.80 -1.30
N LEU A 72 0.66 18.82 -2.05
CA LEU A 72 0.35 20.14 -1.49
C LEU A 72 -0.84 19.96 -0.55
N LEU A 73 -1.80 19.13 -0.96
CA LEU A 73 -2.97 18.88 -0.15
C LEU A 73 -2.53 18.19 1.14
N ARG A 74 -1.58 17.28 1.04
CA ARG A 74 -1.07 16.59 2.21
C ARG A 74 -0.38 17.57 3.15
N LEU A 75 0.31 18.55 2.59
CA LEU A 75 1.00 19.57 3.41
C LEU A 75 -0.01 20.32 4.24
N PHE A 76 -1.07 20.81 3.58
CA PHE A 76 -2.12 21.55 4.27
C PHE A 76 -2.79 20.67 5.30
N GLU A 77 -2.87 19.37 5.02
CA GLU A 77 -3.49 18.43 5.92
C GLU A 77 -2.71 18.32 7.25
N TYR A 78 -1.38 18.19 7.14
CA TYR A 78 -0.53 18.10 8.31
C TYR A 78 -0.31 19.45 9.00
N GLY A 79 -0.22 20.52 8.22
CA GLY A 79 -0.02 21.83 8.80
C GLY A 79 -1.29 22.60 9.14
N GLY A 80 -2.42 22.15 8.63
CA GLY A 80 -3.68 22.83 8.88
C GLY A 80 -4.03 23.74 7.73
N PHE A 81 -5.27 23.66 7.25
CA PHE A 81 -5.71 24.50 6.14
C PHE A 81 -5.88 25.93 6.58
N PRO A 82 -5.61 26.89 5.68
CA PRO A 82 -5.79 28.30 6.06
C PRO A 82 -7.25 28.48 6.42
N PRO A 83 -7.57 29.39 7.35
CA PRO A 83 -6.64 30.26 8.07
C PRO A 83 -6.14 29.73 9.42
N GLU A 84 -6.21 28.42 9.65
CA GLU A 84 -5.76 27.85 10.91
C GLU A 84 -4.27 28.07 11.15
N SER A 85 -3.51 28.24 10.07
CA SER A 85 -2.07 28.48 10.16
C SER A 85 -1.69 29.47 9.09
N ASN A 86 -0.70 30.30 9.38
CA ASN A 86 -0.22 31.28 8.41
C ASN A 86 0.81 30.53 7.56
N TYR A 87 0.83 30.83 6.28
CA TYR A 87 1.77 30.16 5.39
C TYR A 87 2.67 31.08 4.58
N LEU A 88 3.87 30.61 4.29
CA LEU A 88 4.84 31.32 3.47
C LEU A 88 5.48 30.28 2.56
N PHE A 89 5.23 30.39 1.26
CA PHE A 89 5.80 29.47 0.29
C PHE A 89 7.01 30.12 -0.35
N LEU A 90 8.08 29.36 -0.52
CA LEU A 90 9.31 29.88 -1.07
C LEU A 90 9.47 29.86 -2.58
N GLY A 91 8.42 29.53 -3.31
CA GLY A 91 8.54 29.52 -4.76
C GLY A 91 8.45 28.17 -5.43
N ASP A 92 8.55 28.19 -6.75
CA ASP A 92 8.50 26.98 -7.58
C ASP A 92 7.25 26.14 -7.38
N TYR A 93 6.15 26.68 -7.88
CA TYR A 93 4.85 26.05 -7.77
C TYR A 93 4.51 25.27 -9.02
N VAL A 94 5.12 25.69 -10.14
CA VAL A 94 4.87 25.06 -11.43
C VAL A 94 6.07 24.29 -12.01
N ASP A 95 5.82 23.55 -13.09
CA ASP A 95 6.81 22.75 -13.80
C ASP A 95 7.12 21.42 -13.12
N ARG A 96 7.62 20.47 -13.90
CA ARG A 96 7.99 19.13 -13.43
C ARG A 96 6.81 18.24 -13.05
N GLY A 97 5.96 18.71 -12.15
CA GLY A 97 4.80 17.94 -11.75
C GLY A 97 3.74 17.95 -12.83
N LYS A 98 2.78 17.06 -12.73
CA LYS A 98 1.73 16.95 -13.73
C LYS A 98 0.53 17.85 -13.49
N GLN A 99 0.44 18.48 -12.33
CA GLN A 99 -0.71 19.33 -12.03
C GLN A 99 -0.36 20.72 -11.52
N SER A 100 0.36 21.49 -12.33
CA SER A 100 0.75 22.84 -11.95
C SER A 100 -0.44 23.78 -11.83
N LEU A 101 -1.46 23.58 -12.66
CA LEU A 101 -2.65 24.43 -12.64
C LEU A 101 -3.40 24.38 -11.33
N GLU A 102 -3.79 23.18 -10.91
CA GLU A 102 -4.51 23.04 -9.65
C GLU A 102 -3.66 23.61 -8.51
N THR A 103 -2.36 23.33 -8.56
CA THR A 103 -1.44 23.79 -7.54
C THR A 103 -1.42 25.32 -7.42
N ILE A 104 -1.10 26.00 -8.52
CA ILE A 104 -1.03 27.45 -8.48
C ILE A 104 -2.40 28.11 -8.23
N CYS A 105 -3.45 27.53 -8.78
CA CYS A 105 -4.77 28.08 -8.58
C CYS A 105 -5.16 28.05 -7.11
N LEU A 106 -4.94 26.92 -6.45
CA LEU A 106 -5.28 26.83 -5.02
C LEU A 106 -4.48 27.85 -4.21
N LEU A 107 -3.19 27.97 -4.51
CA LEU A 107 -2.35 28.93 -3.82
C LEU A 107 -2.78 30.36 -4.07
N LEU A 108 -3.17 30.67 -5.30
CA LEU A 108 -3.62 32.03 -5.61
C LEU A 108 -4.96 32.33 -4.95
N ALA A 109 -5.83 31.33 -4.88
CA ALA A 109 -7.14 31.52 -4.26
C ALA A 109 -6.97 31.81 -2.78
N TYR A 110 -6.05 31.11 -2.14
CA TYR A 110 -5.80 31.33 -0.73
C TYR A 110 -5.20 32.71 -0.48
N LYS A 111 -4.34 33.16 -1.40
CA LYS A 111 -3.74 34.48 -1.27
C LYS A 111 -4.82 35.56 -1.37
N ILE A 112 -5.78 35.33 -2.25
CA ILE A 112 -6.86 36.28 -2.43
C ILE A 112 -7.82 36.28 -1.24
N LYS A 113 -8.12 35.10 -0.70
CA LYS A 113 -9.02 35.03 0.43
C LYS A 113 -8.42 35.47 1.77
N TYR A 114 -7.13 35.20 1.96
CA TYR A 114 -6.42 35.55 3.19
C TYR A 114 -5.13 36.28 2.84
N PRO A 115 -5.25 37.48 2.27
CA PRO A 115 -4.07 38.27 1.88
C PRO A 115 -3.06 38.60 2.96
N GLU A 116 -3.49 38.65 4.21
CA GLU A 116 -2.60 38.97 5.31
C GLU A 116 -2.09 37.78 6.08
N ASN A 117 -2.52 36.57 5.73
CA ASN A 117 -2.09 35.38 6.45
C ASN A 117 -1.54 34.29 5.53
N PHE A 118 -1.41 34.61 4.25
CA PHE A 118 -0.91 33.64 3.29
C PHE A 118 0.04 34.39 2.37
N PHE A 119 1.23 33.85 2.19
CA PHE A 119 2.23 34.51 1.37
C PHE A 119 2.92 33.60 0.37
N LEU A 120 3.24 34.14 -0.79
CA LEU A 120 3.91 33.41 -1.86
C LEU A 120 5.08 34.23 -2.38
N LEU A 121 6.25 33.62 -2.45
CA LEU A 121 7.43 34.28 -2.98
C LEU A 121 7.67 33.75 -4.39
N ARG A 122 8.54 34.41 -5.13
CA ARG A 122 8.84 34.01 -6.49
C ARG A 122 9.97 33.00 -6.51
N GLY A 123 9.83 31.96 -7.31
CA GLY A 123 10.87 30.96 -7.45
C GLY A 123 11.41 31.15 -8.86
N ASN A 124 12.52 30.51 -9.20
CA ASN A 124 13.08 30.68 -10.54
C ASN A 124 12.17 30.09 -11.61
N HIS A 125 11.20 29.28 -11.21
CA HIS A 125 10.28 28.70 -12.18
C HIS A 125 9.08 29.59 -12.49
N GLU A 126 8.93 30.68 -11.74
CA GLU A 126 7.84 31.61 -12.00
C GLU A 126 8.40 32.65 -12.95
N CYS A 127 8.91 32.15 -14.07
CA CYS A 127 9.51 32.96 -15.11
C CYS A 127 9.11 32.31 -16.42
N ALA A 128 8.62 33.11 -17.36
CA ALA A 128 8.18 32.60 -18.66
C ALA A 128 9.19 31.76 -19.41
N SER A 129 10.43 32.21 -19.47
CA SER A 129 11.42 31.45 -20.23
C SER A 129 11.75 30.09 -19.60
N ILE A 130 11.52 29.96 -18.31
CA ILE A 130 11.79 28.70 -17.64
C ILE A 130 10.57 27.78 -17.69
N ASN A 131 9.40 28.30 -17.34
CA ASN A 131 8.23 27.45 -17.37
C ASN A 131 7.74 27.15 -18.79
N ARG A 132 8.40 27.77 -19.77
CA ARG A 132 8.08 27.52 -21.17
C ARG A 132 8.66 26.14 -21.51
N ILE A 133 9.81 25.83 -20.91
CA ILE A 133 10.53 24.59 -21.13
C ILE A 133 10.14 23.41 -20.25
N TYR A 134 10.05 23.68 -18.95
CA TYR A 134 9.79 22.63 -17.97
C TYR A 134 8.39 22.10 -17.66
N GLY A 135 7.40 22.41 -18.49
CA GLY A 135 6.10 21.83 -18.24
C GLY A 135 4.84 22.67 -18.19
N PHE A 136 4.89 23.77 -17.45
CA PHE A 136 3.74 24.64 -17.28
C PHE A 136 3.11 25.09 -18.60
N TYR A 137 3.93 25.53 -19.53
CA TYR A 137 3.46 25.98 -20.82
C TYR A 137 2.68 24.87 -21.53
N ASP A 138 3.23 23.66 -21.54
CA ASP A 138 2.55 22.53 -22.18
C ASP A 138 1.23 22.23 -21.52
N GLU A 139 1.20 22.30 -20.20
CA GLU A 139 -0.03 22.02 -19.47
C GLU A 139 -1.10 23.07 -19.81
N CYS A 140 -0.71 24.33 -19.81
CA CYS A 140 -1.62 25.42 -20.13
C CYS A 140 -2.21 25.24 -21.52
N LYS A 141 -1.34 24.97 -22.49
CA LYS A 141 -1.72 24.78 -23.88
C LYS A 141 -2.66 23.60 -24.07
N ARG A 142 -2.35 22.48 -23.43
CA ARG A 142 -3.15 21.27 -23.53
C ARG A 142 -4.54 21.37 -22.90
N ARG A 143 -4.63 22.03 -21.74
CA ARG A 143 -5.90 22.13 -21.04
C ARG A 143 -6.73 23.36 -21.35
N TYR A 144 -6.09 24.45 -21.73
CA TYR A 144 -6.78 25.69 -22.05
C TYR A 144 -6.21 26.31 -23.32
N ASN A 145 -5.27 27.23 -23.19
CA ASN A 145 -4.66 27.88 -24.34
C ASN A 145 -3.45 28.73 -23.92
N ILE A 146 -2.71 29.22 -24.89
CA ILE A 146 -1.53 30.05 -24.65
C ILE A 146 -1.81 31.38 -23.98
N LYS A 147 -2.91 32.05 -24.34
CA LYS A 147 -3.21 33.34 -23.73
C LYS A 147 -3.32 33.21 -22.21
N LEU A 148 -3.82 32.07 -21.73
CA LEU A 148 -3.93 31.84 -20.29
C LEU A 148 -2.54 31.79 -19.67
N TRP A 149 -1.60 31.18 -20.39
CA TRP A 149 -0.22 31.08 -19.93
C TRP A 149 0.40 32.47 -19.81
N LYS A 150 0.07 33.33 -20.78
CA LYS A 150 0.57 34.70 -20.78
C LYS A 150 0.02 35.48 -19.61
N THR A 151 -1.22 35.23 -19.23
CA THR A 151 -1.84 35.90 -18.10
C THR A 151 -1.10 35.47 -16.83
N PHE A 152 -0.75 34.18 -16.77
CA PHE A 152 -0.02 33.66 -15.62
C PHE A 152 1.32 34.36 -15.51
N THR A 153 1.94 34.64 -16.65
CA THR A 153 3.21 35.33 -16.67
C THR A 153 3.10 36.74 -16.08
N ASP A 154 2.04 37.46 -16.41
CA ASP A 154 1.83 38.81 -15.88
C ASP A 154 1.73 38.73 -14.37
N CYS A 155 0.99 37.73 -13.88
CA CYS A 155 0.83 37.53 -12.46
C CYS A 155 2.19 37.26 -11.80
N PHE A 156 2.91 36.27 -12.33
CA PHE A 156 4.22 35.88 -11.82
C PHE A 156 5.23 37.03 -11.72
N ASN A 157 5.19 37.93 -12.70
CA ASN A 157 6.12 39.07 -12.73
C ASN A 157 5.87 40.07 -11.59
N CYS A 158 4.85 39.84 -10.79
CA CYS A 158 4.54 40.73 -9.69
C CYS A 158 4.74 40.12 -8.29
N LEU A 159 5.26 38.89 -8.25
CA LEU A 159 5.50 38.20 -6.99
C LEU A 159 6.61 38.83 -6.16
N PRO A 160 6.45 38.86 -4.82
CA PRO A 160 7.50 39.44 -3.98
C PRO A 160 8.72 38.52 -4.04
N ILE A 161 9.90 39.08 -3.81
CA ILE A 161 11.15 38.34 -3.92
C ILE A 161 11.72 37.73 -2.65
N ALA A 162 11.52 38.38 -1.51
CA ALA A 162 12.07 37.85 -0.27
C ALA A 162 11.21 38.28 0.90
N ALA A 163 11.52 37.73 2.08
CA ALA A 163 10.80 38.07 3.29
C ALA A 163 11.73 37.97 4.49
N ILE A 164 11.36 38.63 5.58
CA ILE A 164 12.14 38.58 6.81
C ILE A 164 11.10 38.38 7.91
N VAL A 165 11.23 37.27 8.64
CA VAL A 165 10.32 36.96 9.73
C VAL A 165 10.89 37.47 11.04
N ASP A 166 10.09 38.26 11.75
CA ASP A 166 10.47 38.85 13.04
C ASP A 166 11.89 39.41 13.06
N GLU A 167 12.28 40.09 12.00
CA GLU A 167 13.62 40.70 11.90
C GLU A 167 14.80 39.76 12.07
N LYS A 168 14.57 38.45 12.06
CA LYS A 168 15.66 37.51 12.27
C LYS A 168 15.85 36.41 11.23
N ILE A 169 14.79 36.03 10.53
CA ILE A 169 14.87 34.96 9.53
C ILE A 169 14.72 35.53 8.12
N PHE A 170 15.76 35.42 7.32
CA PHE A 170 15.73 35.92 5.95
C PHE A 170 15.26 34.76 5.09
N CYS A 171 14.28 35.02 4.23
CA CYS A 171 13.73 33.99 3.36
C CYS A 171 13.77 34.42 1.89
N CYS A 172 14.26 33.53 1.04
CA CYS A 172 14.32 33.80 -0.39
C CYS A 172 14.34 32.43 -1.06
N HIS A 173 14.08 32.39 -2.36
CA HIS A 173 14.06 31.12 -3.04
C HIS A 173 15.39 30.42 -3.19
N GLY A 174 16.31 31.04 -3.92
CA GLY A 174 17.62 30.45 -4.15
C GLY A 174 18.64 30.74 -3.07
N GLY A 175 19.12 31.97 -3.02
CA GLY A 175 20.12 32.30 -2.01
C GLY A 175 20.66 33.71 -2.07
N LEU A 176 21.91 33.85 -1.63
CA LEU A 176 22.58 35.14 -1.58
C LEU A 176 23.20 35.57 -2.90
N SER A 177 23.59 36.84 -2.93
CA SER A 177 24.18 37.43 -4.11
C SER A 177 25.37 38.29 -3.71
N PRO A 178 26.46 38.21 -4.50
CA PRO A 178 27.64 39.00 -4.19
C PRO A 178 27.32 40.48 -4.33
N ASP A 179 26.24 40.80 -5.05
CA ASP A 179 25.81 42.18 -5.24
C ASP A 179 24.87 42.71 -4.16
N LEU A 180 24.46 41.83 -3.25
CA LEU A 180 23.55 42.22 -2.17
C LEU A 180 24.34 42.78 -1.00
N GLN A 181 24.37 44.10 -0.89
CA GLN A 181 25.08 44.78 0.19
C GLN A 181 24.10 45.40 1.17
N SER A 182 22.90 45.72 0.69
CA SER A 182 21.88 46.35 1.52
C SER A 182 20.49 45.84 1.18
N MET A 183 19.63 45.69 2.19
CA MET A 183 18.26 45.23 1.97
C MET A 183 17.54 46.23 1.10
N GLU A 184 18.06 47.45 1.09
CA GLU A 184 17.50 48.53 0.31
C GLU A 184 17.49 48.18 -1.19
N GLN A 185 18.51 47.45 -1.62
CA GLN A 185 18.62 47.05 -3.02
C GLN A 185 17.45 46.20 -3.48
N ILE A 186 17.00 45.29 -2.63
CA ILE A 186 15.88 44.43 -2.95
C ILE A 186 14.60 45.26 -2.96
N ARG A 187 14.48 46.18 -2.01
CA ARG A 187 13.29 47.02 -1.92
C ARG A 187 13.07 47.93 -3.12
N ARG A 188 14.13 48.24 -3.85
CA ARG A 188 14.05 49.12 -5.00
C ARG A 188 13.79 48.43 -6.33
N ILE A 189 13.75 47.11 -6.33
CA ILE A 189 13.48 46.38 -7.56
C ILE A 189 12.04 46.70 -7.90
N MET A 190 11.81 47.20 -9.11
CA MET A 190 10.45 47.52 -9.49
C MET A 190 9.75 46.42 -10.25
N ARG A 191 8.45 46.30 -9.98
CA ARG A 191 7.60 45.29 -10.58
C ARG A 191 6.55 46.01 -11.42
N PRO A 192 6.00 45.33 -12.45
CA PRO A 192 6.30 43.97 -12.86
C PRO A 192 7.69 43.84 -13.47
N THR A 193 8.27 42.65 -13.39
CA THR A 193 9.59 42.42 -13.95
C THR A 193 9.83 40.94 -14.23
N ASP A 194 10.76 40.68 -15.13
CA ASP A 194 11.12 39.32 -15.50
C ASP A 194 12.48 39.13 -14.82
N VAL A 195 12.99 37.92 -14.85
CA VAL A 195 14.27 37.60 -14.23
C VAL A 195 15.40 37.76 -15.23
N PRO A 196 16.38 38.64 -14.92
CA PRO A 196 17.53 38.89 -15.79
C PRO A 196 18.39 37.64 -15.83
N ASP A 197 19.38 37.61 -16.71
CA ASP A 197 20.23 36.44 -16.80
C ASP A 197 21.41 36.51 -15.82
N GLN A 198 21.54 37.64 -15.13
CA GLN A 198 22.59 37.84 -14.14
C GLN A 198 22.22 39.03 -13.26
N GLY A 199 22.90 39.17 -12.14
CA GLY A 199 22.58 40.28 -11.25
C GLY A 199 21.88 39.82 -9.99
N LEU A 200 21.54 40.78 -9.14
CA LEU A 200 20.87 40.52 -7.87
C LEU A 200 19.61 39.67 -7.97
N LEU A 201 18.62 40.12 -8.73
CA LEU A 201 17.37 39.38 -8.88
C LEU A 201 17.59 37.95 -9.31
N CYS A 202 18.50 37.77 -10.26
CA CYS A 202 18.83 36.44 -10.75
C CYS A 202 19.42 35.58 -9.63
N ASP A 203 20.38 36.14 -8.90
CA ASP A 203 21.03 35.39 -7.83
C ASP A 203 20.10 34.96 -6.72
N LEU A 204 19.19 35.84 -6.31
CA LEU A 204 18.25 35.53 -5.25
C LEU A 204 17.35 34.35 -5.61
N LEU A 205 17.14 34.11 -6.91
CA LEU A 205 16.30 33.01 -7.35
C LEU A 205 17.08 31.79 -7.81
N TRP A 206 18.37 31.96 -8.10
CA TRP A 206 19.18 30.87 -8.63
C TRP A 206 20.37 30.30 -7.85
N SER A 207 20.96 31.04 -6.90
CA SER A 207 22.13 30.52 -6.18
C SER A 207 21.90 29.34 -5.22
N ASP A 208 22.99 28.64 -4.89
CA ASP A 208 22.96 27.48 -4.00
C ASP A 208 24.16 27.51 -3.06
N PRO A 209 24.02 26.95 -1.86
CA PRO A 209 25.14 26.93 -0.93
C PRO A 209 26.04 25.73 -1.28
N ASP A 210 27.35 25.87 -1.08
CA ASP A 210 28.31 24.81 -1.38
C ASP A 210 29.28 24.72 -0.22
N LYS A 211 29.30 23.58 0.45
CA LYS A 211 30.20 23.34 1.59
C LYS A 211 31.67 23.32 1.21
N ASP A 212 31.97 23.06 -0.05
CA ASP A 212 33.36 22.99 -0.51
C ASP A 212 33.92 24.24 -1.16
N VAL A 213 33.21 25.35 -1.10
CA VAL A 213 33.73 26.55 -1.72
C VAL A 213 34.07 27.58 -0.66
N LEU A 214 35.06 28.41 -0.97
CA LEU A 214 35.47 29.49 -0.10
C LEU A 214 34.99 30.74 -0.82
N GLY A 215 34.00 31.39 -0.24
CA GLY A 215 33.49 32.60 -0.86
C GLY A 215 32.45 32.28 -1.92
N TRP A 216 32.70 32.79 -3.11
CA TRP A 216 31.80 32.62 -4.23
C TRP A 216 32.35 31.67 -5.27
N GLY A 217 31.47 30.86 -5.85
CA GLY A 217 31.90 29.91 -6.86
C GLY A 217 30.92 29.81 -8.01
N GLU A 218 31.31 29.05 -9.03
CA GLU A 218 30.47 28.85 -10.19
C GLU A 218 29.35 27.89 -9.84
N ASN A 219 28.18 28.11 -10.41
CA ASN A 219 27.05 27.24 -10.16
C ASN A 219 26.83 26.31 -11.34
N ASP A 220 26.75 25.02 -11.07
CA ASP A 220 26.54 23.99 -12.10
C ASP A 220 25.23 24.12 -12.88
N ARG A 221 24.29 24.92 -12.39
CA ARG A 221 23.04 25.09 -13.09
C ARG A 221 23.25 25.88 -14.37
N GLY A 222 24.45 26.45 -14.52
CA GLY A 222 24.76 27.21 -15.71
C GLY A 222 24.53 28.70 -15.58
N VAL A 223 24.14 29.14 -14.39
CA VAL A 223 23.88 30.55 -14.15
C VAL A 223 24.07 30.85 -12.66
N SER A 224 24.36 32.10 -12.33
CA SER A 224 24.55 32.52 -10.94
C SER A 224 25.79 31.91 -10.29
N PHE A 225 25.81 31.88 -8.96
CA PHE A 225 26.95 31.38 -8.20
C PHE A 225 26.55 30.43 -7.08
N THR A 226 27.57 29.88 -6.43
CA THR A 226 27.40 29.05 -5.26
C THR A 226 28.11 29.89 -4.19
N PHE A 227 27.76 29.70 -2.93
CA PHE A 227 28.41 30.45 -1.86
C PHE A 227 28.78 29.54 -0.70
N GLY A 228 29.86 29.88 -0.02
CA GLY A 228 30.33 29.08 1.10
C GLY A 228 29.70 29.42 2.43
N ALA A 229 30.13 28.70 3.45
CA ALA A 229 29.61 28.91 4.81
C ALA A 229 30.02 30.27 5.40
N GLU A 230 31.17 30.80 4.98
CA GLU A 230 31.64 32.08 5.49
C GLU A 230 30.80 33.26 4.97
N VAL A 231 30.31 33.14 3.74
CA VAL A 231 29.49 34.20 3.17
C VAL A 231 28.22 34.30 4.03
N VAL A 232 27.68 33.14 4.41
CA VAL A 232 26.49 33.07 5.22
C VAL A 232 26.70 33.73 6.57
N ALA A 233 27.75 33.32 7.28
CA ALA A 233 28.05 33.88 8.59
C ALA A 233 28.19 35.40 8.52
N LYS A 234 28.97 35.89 7.56
CA LYS A 234 29.17 37.32 7.42
C LYS A 234 27.85 38.03 7.13
N PHE A 235 27.05 37.44 6.24
CA PHE A 235 25.77 38.03 5.88
C PHE A 235 24.87 38.17 7.10
N LEU A 236 24.69 37.09 7.83
CA LEU A 236 23.84 37.08 9.01
C LEU A 236 24.31 38.08 10.03
N HIS A 237 25.61 38.11 10.26
CA HIS A 237 26.17 39.02 11.25
C HIS A 237 25.98 40.49 10.96
N LYS A 238 26.26 40.90 9.73
CA LYS A 238 26.13 42.31 9.40
C LYS A 238 24.69 42.82 9.37
N HIS A 239 23.75 41.93 9.09
CA HIS A 239 22.35 42.32 9.06
C HIS A 239 21.60 42.00 10.34
N ASP A 240 22.31 41.40 11.29
CA ASP A 240 21.75 41.05 12.60
C ASP A 240 20.58 40.08 12.48
N LEU A 241 20.79 39.02 11.72
CA LEU A 241 19.78 37.99 11.52
C LEU A 241 20.28 36.71 12.16
N ASP A 242 19.39 35.74 12.35
CA ASP A 242 19.76 34.47 12.96
C ASP A 242 19.80 33.28 12.00
N LEU A 243 19.00 33.35 10.94
CA LEU A 243 18.90 32.23 10.01
C LEU A 243 18.50 32.63 8.59
N ILE A 244 18.98 31.86 7.62
CA ILE A 244 18.61 32.05 6.22
C ILE A 244 17.82 30.82 5.83
N CYS A 245 16.67 31.03 5.24
CA CYS A 245 15.79 29.95 4.82
C CYS A 245 15.58 30.04 3.32
N ARG A 246 15.79 28.92 2.63
CA ARG A 246 15.64 28.89 1.18
C ARG A 246 15.18 27.52 0.73
N ALA A 247 14.95 27.36 -0.57
CA ALA A 247 14.47 26.11 -1.14
C ALA A 247 15.33 25.84 -2.38
N HIS A 248 14.72 25.72 -3.56
CA HIS A 248 15.47 25.59 -4.81
C HIS A 248 16.21 24.27 -5.10
N GLN A 249 16.82 23.69 -4.08
CA GLN A 249 17.60 22.47 -4.23
C GLN A 249 16.99 21.22 -3.61
N VAL A 250 16.85 20.16 -4.39
CA VAL A 250 16.29 18.93 -3.86
C VAL A 250 17.28 18.28 -2.90
N VAL A 251 16.83 18.01 -1.69
CA VAL A 251 17.66 17.37 -0.68
C VAL A 251 16.90 16.12 -0.26
N GLU A 252 17.60 15.01 -0.11
CA GLU A 252 16.96 13.74 0.22
C GLU A 252 15.99 13.66 1.40
N ASP A 253 16.23 14.41 2.47
CA ASP A 253 15.34 14.34 3.63
C ASP A 253 14.30 15.45 3.75
N GLY A 254 14.14 16.27 2.71
CA GLY A 254 13.17 17.35 2.75
C GLY A 254 13.76 18.67 3.22
N TYR A 255 14.77 18.60 4.08
CA TYR A 255 15.44 19.79 4.56
C TYR A 255 16.86 19.42 4.91
N GLU A 256 17.73 20.41 4.94
CA GLU A 256 19.13 20.20 5.24
C GLU A 256 19.73 21.47 5.82
N PHE A 257 20.39 21.32 6.97
CA PHE A 257 21.06 22.44 7.62
C PHE A 257 22.42 22.64 7.01
N PHE A 258 22.85 23.91 6.98
CA PHE A 258 24.12 24.28 6.39
C PHE A 258 24.81 25.31 7.30
N ALA A 259 26.13 25.24 7.40
CA ALA A 259 26.94 26.15 8.21
C ALA A 259 26.46 26.29 9.66
N LYS A 260 26.48 25.20 10.41
CA LYS A 260 26.06 25.19 11.82
C LYS A 260 24.67 25.74 12.04
N ARG A 261 23.72 25.22 11.27
CA ARG A 261 22.33 25.64 11.37
C ARG A 261 22.08 27.13 11.10
N GLN A 262 22.95 27.76 10.32
CA GLN A 262 22.76 29.16 9.98
C GLN A 262 21.93 29.33 8.69
N LEU A 263 21.73 28.22 7.98
CA LEU A 263 20.94 28.23 6.76
C LEU A 263 20.21 26.89 6.67
N VAL A 264 18.98 26.92 6.21
CA VAL A 264 18.21 25.70 6.04
C VAL A 264 17.59 25.68 4.66
N THR A 265 17.66 24.52 4.01
CA THR A 265 17.09 24.33 2.69
C THR A 265 15.82 23.50 2.84
N LEU A 266 14.72 23.97 2.29
CA LEU A 266 13.45 23.26 2.35
C LEU A 266 12.96 22.84 0.97
N PHE A 267 12.57 21.58 0.83
CA PHE A 267 12.04 21.07 -0.44
C PHE A 267 10.78 20.33 -0.05
N SER A 268 9.65 20.77 -0.59
CA SER A 268 8.39 20.16 -0.22
C SER A 268 7.76 19.21 -1.23
N ALA A 269 8.51 18.77 -2.22
CA ALA A 269 7.96 17.84 -3.19
C ALA A 269 8.58 16.46 -3.05
N PRO A 270 7.90 15.53 -2.35
CA PRO A 270 8.42 14.17 -2.14
C PRO A 270 8.53 13.44 -3.48
N ASN A 271 9.57 12.61 -3.61
CA ASN A 271 9.78 11.82 -4.82
C ASN A 271 9.77 12.70 -6.06
N TYR A 272 10.54 13.77 -6.01
CA TYR A 272 10.65 14.75 -7.07
C TYR A 272 10.89 14.11 -8.44
N CYS A 273 10.11 14.55 -9.43
CA CYS A 273 10.21 14.06 -10.80
C CYS A 273 9.93 12.57 -10.94
N GLY A 274 9.44 11.96 -9.86
CA GLY A 274 9.14 10.54 -9.89
C GLY A 274 10.38 9.67 -9.89
N GLU A 275 11.56 10.29 -9.77
CA GLU A 275 12.79 9.50 -9.76
C GLU A 275 13.58 9.56 -8.45
N PHE A 276 13.77 10.74 -7.88
CA PHE A 276 14.51 10.85 -6.62
C PHE A 276 13.60 10.24 -5.57
N ASP A 277 14.17 9.65 -4.54
CA ASP A 277 13.31 9.08 -3.51
C ASP A 277 13.39 9.93 -2.26
N ASN A 278 13.34 11.24 -2.48
CA ASN A 278 13.43 12.21 -1.41
C ASN A 278 12.10 12.41 -0.70
N ALA A 279 12.19 12.83 0.55
CA ALA A 279 11.02 13.14 1.35
C ALA A 279 10.79 14.64 1.17
N GLY A 280 9.67 15.14 1.67
CA GLY A 280 9.37 16.55 1.60
C GLY A 280 9.33 17.02 3.03
N ALA A 281 9.46 18.33 3.26
CA ALA A 281 9.44 18.85 4.60
C ALA A 281 8.84 20.24 4.66
N MET A 282 8.32 20.58 5.82
CA MET A 282 7.69 21.86 6.09
C MET A 282 8.23 22.32 7.45
N MET A 283 8.64 23.58 7.54
CA MET A 283 9.17 24.13 8.78
C MET A 283 8.17 25.00 9.53
N SER A 284 8.06 24.78 10.83
CA SER A 284 7.16 25.57 11.66
C SER A 284 7.98 26.42 12.61
N VAL A 285 7.69 27.71 12.60
CA VAL A 285 8.37 28.68 13.45
C VAL A 285 7.31 29.23 14.40
N ASP A 286 7.53 29.07 15.71
CA ASP A 286 6.58 29.57 16.71
C ASP A 286 6.96 31.00 17.09
N GLU A 287 6.29 31.55 18.10
CA GLU A 287 6.56 32.92 18.55
C GLU A 287 7.97 33.13 19.08
N THR A 288 8.53 32.11 19.71
CA THR A 288 9.88 32.18 20.26
C THR A 288 10.91 31.87 19.17
N LEU A 289 10.43 31.69 17.96
CA LEU A 289 11.29 31.40 16.83
C LEU A 289 12.01 30.07 16.91
N MET A 290 11.45 29.14 17.68
CA MET A 290 12.04 27.80 17.77
C MET A 290 11.44 27.05 16.59
N CYS A 291 12.24 26.22 15.92
CA CYS A 291 11.78 25.49 14.75
C CYS A 291 11.44 24.03 14.96
N SER A 292 10.52 23.55 14.14
CA SER A 292 10.10 22.15 14.15
C SER A 292 9.89 21.80 12.67
N PHE A 293 10.26 20.58 12.29
CA PHE A 293 10.13 20.17 10.90
C PHE A 293 9.24 18.95 10.74
N GLN A 294 8.26 19.05 9.84
CA GLN A 294 7.36 17.96 9.55
C GLN A 294 7.87 17.28 8.29
N ILE A 295 8.03 15.97 8.35
CA ILE A 295 8.52 15.17 7.22
C ILE A 295 7.36 14.52 6.52
N LEU A 296 7.36 14.62 5.20
CA LEU A 296 6.34 13.99 4.38
C LEU A 296 7.03 12.90 3.60
N LYS A 297 6.72 11.65 3.92
CA LYS A 297 7.31 10.51 3.23
C LYS A 297 6.65 10.43 1.87
N PRO A 298 7.40 10.01 0.85
CA PRO A 298 6.76 9.93 -0.47
C PRO A 298 5.63 8.94 -0.37
N ALA A 299 4.46 9.35 -0.87
CA ALA A 299 3.27 8.53 -0.84
C ALA A 299 3.15 7.81 -2.17
N LEU B 7 -32.54 -39.34 1.29
CA LEU B 7 -31.04 -39.23 1.26
C LEU B 7 -30.54 -40.14 2.37
N ASN B 8 -30.01 -41.31 2.01
CA ASN B 8 -29.53 -42.20 3.05
C ASN B 8 -28.02 -42.17 3.20
N ILE B 9 -27.55 -41.36 4.14
CA ILE B 9 -26.12 -41.19 4.39
C ILE B 9 -25.41 -42.53 4.60
N ASP B 10 -25.93 -43.35 5.51
CA ASP B 10 -25.33 -44.64 5.82
C ASP B 10 -25.09 -45.50 4.60
N SER B 11 -26.04 -45.45 3.65
CA SER B 11 -25.95 -46.24 2.43
C SER B 11 -24.87 -45.67 1.53
N ILE B 12 -24.75 -44.34 1.54
CA ILE B 12 -23.76 -43.67 0.73
C ILE B 12 -22.37 -44.00 1.30
N ILE B 13 -22.27 -43.99 2.62
CA ILE B 13 -21.02 -44.30 3.27
C ILE B 13 -20.62 -45.75 3.04
N GLN B 14 -21.58 -46.67 3.20
CA GLN B 14 -21.25 -48.09 3.00
C GLN B 14 -20.80 -48.35 1.56
N ARG B 15 -21.47 -47.72 0.59
CA ARG B 15 -21.08 -47.92 -0.81
C ARG B 15 -19.68 -47.39 -1.07
N LEU B 16 -19.34 -46.26 -0.44
CA LEU B 16 -18.02 -45.67 -0.61
C LEU B 16 -16.93 -46.50 0.07
N LEU B 17 -17.24 -47.06 1.24
CA LEU B 17 -16.27 -47.87 1.96
C LEU B 17 -16.11 -49.27 1.42
N GLU B 18 -17.11 -49.77 0.71
CA GLU B 18 -17.08 -51.12 0.12
C GLU B 18 -15.82 -51.43 -0.68
N VAL B 19 -15.12 -50.39 -1.10
CA VAL B 19 -13.91 -50.58 -1.90
C VAL B 19 -12.60 -50.65 -1.13
N ARG B 20 -12.65 -50.80 0.20
CA ARG B 20 -11.43 -50.91 0.97
C ARG B 20 -10.74 -52.21 0.53
N GLY B 21 -9.41 -52.17 0.44
CA GLY B 21 -8.66 -53.35 0.02
C GLY B 21 -8.70 -53.59 -1.48
N SER B 22 -9.74 -53.08 -2.14
CA SER B 22 -9.89 -53.24 -3.58
C SER B 22 -8.74 -52.52 -4.30
N LYS B 23 -8.30 -53.10 -5.43
CA LYS B 23 -7.22 -52.51 -6.22
C LYS B 23 -7.50 -51.03 -6.56
N PRO B 24 -6.58 -50.13 -6.16
CA PRO B 24 -6.67 -48.68 -6.38
C PRO B 24 -7.08 -48.29 -7.80
N GLY B 25 -8.11 -47.45 -7.88
CA GLY B 25 -8.61 -46.99 -9.16
C GLY B 25 -10.06 -47.38 -9.39
N LYS B 26 -10.59 -48.28 -8.57
CA LYS B 26 -11.97 -48.71 -8.72
C LYS B 26 -12.93 -47.60 -8.33
N ASN B 27 -13.88 -47.32 -9.23
CA ASN B 27 -14.86 -46.26 -9.01
C ASN B 27 -16.10 -46.67 -8.23
N VAL B 28 -16.81 -45.67 -7.71
CA VAL B 28 -18.05 -45.87 -6.95
C VAL B 28 -19.06 -44.97 -7.64
N GLN B 29 -20.06 -45.55 -8.29
CA GLN B 29 -21.03 -44.73 -8.98
C GLN B 29 -22.29 -44.49 -8.15
N LEU B 30 -22.36 -43.29 -7.58
CA LEU B 30 -23.51 -42.87 -6.78
C LEU B 30 -24.43 -42.16 -7.74
N GLN B 31 -25.71 -42.04 -7.39
CA GLN B 31 -26.67 -41.36 -8.25
C GLN B 31 -26.43 -39.85 -8.21
N GLU B 32 -26.83 -39.18 -9.27
CA GLU B 32 -26.66 -37.73 -9.36
C GLU B 32 -27.36 -37.00 -8.23
N ASN B 33 -28.60 -37.38 -7.97
CA ASN B 33 -29.39 -36.75 -6.91
C ASN B 33 -28.77 -36.98 -5.54
N GLU B 34 -28.01 -38.06 -5.40
CA GLU B 34 -27.34 -38.37 -4.14
C GLU B 34 -26.15 -37.45 -3.90
N ILE B 35 -25.43 -37.13 -4.97
CA ILE B 35 -24.29 -36.25 -4.83
C ILE B 35 -24.83 -34.84 -4.60
N ARG B 36 -25.80 -34.43 -5.40
CA ARG B 36 -26.41 -33.11 -5.24
C ARG B 36 -26.95 -32.96 -3.81
N GLY B 37 -27.52 -34.04 -3.29
CA GLY B 37 -28.06 -34.00 -1.94
C GLY B 37 -26.94 -33.74 -0.95
N LEU B 38 -25.81 -34.42 -1.13
CA LEU B 38 -24.67 -34.25 -0.25
C LEU B 38 -24.21 -32.80 -0.24
N CYS B 39 -24.11 -32.19 -1.42
CA CYS B 39 -23.68 -30.81 -1.54
C CYS B 39 -24.63 -29.86 -0.82
N LEU B 40 -25.93 -30.00 -1.06
CA LEU B 40 -26.90 -29.11 -0.45
C LEU B 40 -27.06 -29.24 1.06
N LYS B 41 -26.98 -30.46 1.58
CA LYS B 41 -27.11 -30.66 3.01
C LYS B 41 -25.85 -30.20 3.74
N SER B 42 -24.68 -30.54 3.21
CA SER B 42 -23.44 -30.12 3.83
C SER B 42 -23.33 -28.59 3.76
N ARG B 43 -23.84 -28.02 2.66
CA ARG B 43 -23.80 -26.58 2.45
C ARG B 43 -24.50 -25.82 3.57
N GLU B 44 -25.65 -26.31 4.01
CA GLU B 44 -26.38 -25.63 5.09
C GLU B 44 -25.65 -25.79 6.43
N ILE B 45 -24.95 -26.90 6.60
CA ILE B 45 -24.18 -27.14 7.83
C ILE B 45 -23.00 -26.15 7.87
N PHE B 46 -22.31 -25.99 6.74
CA PHE B 46 -21.17 -25.07 6.68
C PHE B 46 -21.57 -23.65 7.05
N LEU B 47 -22.73 -23.21 6.57
CA LEU B 47 -23.21 -21.86 6.87
C LEU B 47 -23.73 -21.66 8.29
N SER B 48 -24.10 -22.74 8.96
CA SER B 48 -24.61 -22.61 10.33
C SER B 48 -23.43 -22.57 11.29
N GLN B 49 -22.29 -23.09 10.84
CA GLN B 49 -21.08 -23.08 11.66
C GLN B 49 -20.22 -21.88 11.30
N PRO B 50 -19.39 -21.40 12.24
CA PRO B 50 -18.52 -20.24 12.01
C PRO B 50 -17.55 -20.42 10.85
N ILE B 51 -17.16 -19.31 10.24
CA ILE B 51 -16.20 -19.32 9.15
C ILE B 51 -14.80 -19.51 9.74
N LEU B 52 -14.68 -19.27 11.04
CA LEU B 52 -13.42 -19.43 11.77
C LEU B 52 -13.76 -20.41 12.88
N LEU B 53 -13.45 -21.67 12.66
CA LEU B 53 -13.74 -22.71 13.62
C LEU B 53 -12.90 -22.66 14.88
N GLU B 54 -13.53 -22.95 16.01
CA GLU B 54 -12.85 -22.98 17.29
C GLU B 54 -13.04 -24.40 17.76
N LEU B 55 -11.98 -25.18 17.60
CA LEU B 55 -12.03 -26.60 17.91
C LEU B 55 -11.27 -26.99 19.17
N GLU B 56 -11.47 -28.23 19.60
CA GLU B 56 -10.84 -28.78 20.80
C GLU B 56 -10.17 -30.10 20.45
N ALA B 57 -9.08 -30.41 21.14
CA ALA B 57 -8.38 -31.66 20.90
C ALA B 57 -9.04 -32.71 21.80
N PRO B 58 -8.80 -33.99 21.56
CA PRO B 58 -7.93 -34.53 20.51
C PRO B 58 -8.55 -34.50 19.11
N LEU B 59 -7.70 -34.50 18.09
CA LEU B 59 -8.15 -34.54 16.72
C LEU B 59 -6.97 -34.81 15.82
N LYS B 60 -7.26 -35.36 14.65
CA LYS B 60 -6.22 -35.66 13.69
C LYS B 60 -6.39 -34.63 12.60
N ILE B 61 -5.27 -34.09 12.13
CA ILE B 61 -5.29 -33.06 11.11
C ILE B 61 -4.63 -33.58 9.85
N CYS B 62 -5.32 -33.41 8.73
CA CYS B 62 -4.80 -33.88 7.46
C CYS B 62 -4.59 -32.76 6.45
N GLY B 63 -3.59 -32.93 5.61
CA GLY B 63 -3.28 -31.96 4.58
C GLY B 63 -3.98 -32.32 3.28
N ASP B 64 -3.40 -31.87 2.17
CA ASP B 64 -3.96 -32.11 0.84
C ASP B 64 -4.15 -33.57 0.49
N ILE B 65 -5.28 -33.86 -0.14
CA ILE B 65 -5.59 -35.23 -0.56
C ILE B 65 -5.57 -35.31 -2.08
N HIS B 66 -6.09 -34.27 -2.71
CA HIS B 66 -6.15 -34.17 -4.15
C HIS B 66 -6.68 -35.37 -4.93
N GLY B 67 -7.90 -35.78 -4.59
CA GLY B 67 -8.55 -36.88 -5.27
C GLY B 67 -7.88 -38.25 -5.26
N GLN B 68 -6.97 -38.47 -4.32
CA GLN B 68 -6.30 -39.77 -4.23
C GLN B 68 -7.11 -40.59 -3.23
N TYR B 69 -8.31 -40.95 -3.67
CA TYR B 69 -9.26 -41.68 -2.87
C TYR B 69 -8.74 -42.85 -2.06
N TYR B 70 -7.99 -43.74 -2.69
CA TYR B 70 -7.48 -44.88 -1.94
C TYR B 70 -6.48 -44.52 -0.85
N ASP B 71 -5.82 -43.37 -1.01
CA ASP B 71 -4.89 -42.94 0.01
C ASP B 71 -5.68 -42.32 1.15
N LEU B 72 -6.86 -41.80 0.84
CA LEU B 72 -7.74 -41.22 1.84
C LEU B 72 -8.25 -42.36 2.70
N LEU B 73 -8.59 -43.48 2.06
CA LEU B 73 -9.07 -44.64 2.79
C LEU B 73 -7.97 -45.12 3.72
N ARG B 74 -6.72 -45.08 3.24
CA ARG B 74 -5.60 -45.49 4.06
C ARG B 74 -5.44 -44.57 5.27
N LEU B 75 -5.76 -43.29 5.11
CA LEU B 75 -5.67 -42.34 6.24
C LEU B 75 -6.61 -42.76 7.36
N PHE B 76 -7.83 -43.11 7.00
CA PHE B 76 -8.81 -43.52 7.99
C PHE B 76 -8.43 -44.90 8.57
N GLU B 77 -7.86 -45.75 7.73
CA GLU B 77 -7.42 -47.09 8.13
C GLU B 77 -6.38 -46.93 9.24
N TYR B 78 -5.51 -45.95 9.03
CA TYR B 78 -4.41 -45.61 9.91
C TYR B 78 -4.83 -44.85 11.17
N GLY B 79 -5.60 -43.78 11.00
CA GLY B 79 -6.00 -42.97 12.14
C GLY B 79 -7.32 -43.34 12.79
N GLY B 80 -8.08 -44.22 12.14
CA GLY B 80 -9.36 -44.64 12.68
C GLY B 80 -10.48 -43.95 11.94
N PHE B 81 -11.51 -44.71 11.56
CA PHE B 81 -12.64 -44.14 10.83
C PHE B 81 -13.52 -43.34 11.76
N PRO B 82 -14.11 -42.24 11.27
CA PRO B 82 -14.99 -41.45 12.15
C PRO B 82 -16.10 -42.37 12.65
N PRO B 83 -16.56 -42.19 13.91
CA PRO B 83 -16.15 -41.23 14.93
C PRO B 83 -15.01 -41.64 15.88
N GLU B 84 -14.31 -42.74 15.58
CA GLU B 84 -13.21 -43.19 16.45
C GLU B 84 -12.22 -42.06 16.75
N SER B 85 -12.09 -41.14 15.80
CA SER B 85 -11.20 -39.99 15.93
C SER B 85 -11.87 -38.78 15.31
N ASN B 86 -11.62 -37.59 15.85
CA ASN B 86 -12.19 -36.37 15.28
C ASN B 86 -11.19 -35.91 14.24
N TYR B 87 -11.68 -35.29 13.17
CA TYR B 87 -10.81 -34.84 12.08
C TYR B 87 -10.94 -33.40 11.65
N LEU B 88 -9.83 -32.87 11.14
CA LEU B 88 -9.79 -31.51 10.60
C LEU B 88 -8.97 -31.61 9.33
N PHE B 89 -9.62 -31.40 8.19
CA PHE B 89 -8.93 -31.43 6.91
C PHE B 89 -8.64 -29.98 6.52
N LEU B 90 -7.43 -29.74 6.03
CA LEU B 90 -7.01 -28.40 5.65
C LEU B 90 -7.27 -27.93 4.23
N GLY B 91 -8.06 -28.67 3.47
CA GLY B 91 -8.37 -28.25 2.11
C GLY B 91 -7.73 -29.07 1.00
N ASP B 92 -8.09 -28.72 -0.24
CA ASP B 92 -7.62 -29.41 -1.45
C ASP B 92 -7.99 -30.89 -1.55
N TYR B 93 -9.29 -31.11 -1.72
CA TYR B 93 -9.84 -32.45 -1.82
C TYR B 93 -9.93 -32.92 -3.27
N VAL B 94 -10.01 -31.96 -4.19
CA VAL B 94 -10.16 -32.26 -5.60
C VAL B 94 -8.97 -31.84 -6.46
N ASP B 95 -9.05 -32.17 -7.76
CA ASP B 95 -8.03 -31.89 -8.75
C ASP B 95 -6.82 -32.80 -8.64
N ARG B 96 -5.99 -32.80 -9.68
CA ARG B 96 -4.76 -33.60 -9.73
C ARG B 96 -4.96 -35.11 -9.74
N GLY B 97 -5.57 -35.66 -8.70
CA GLY B 97 -5.82 -37.09 -8.64
C GLY B 97 -6.92 -37.50 -9.59
N LYS B 98 -7.15 -38.80 -9.69
CA LYS B 98 -8.16 -39.32 -10.60
C LYS B 98 -9.53 -39.58 -9.99
N GLN B 99 -9.62 -39.58 -8.66
CA GLN B 99 -10.90 -39.85 -8.04
C GLN B 99 -11.37 -38.76 -7.09
N SER B 100 -11.49 -37.55 -7.61
CA SER B 100 -11.95 -36.42 -6.81
C SER B 100 -13.38 -36.59 -6.29
N LEU B 101 -14.28 -37.10 -7.12
CA LEU B 101 -15.67 -37.28 -6.72
C LEU B 101 -15.87 -38.21 -5.53
N GLU B 102 -15.19 -39.35 -5.53
CA GLU B 102 -15.30 -40.28 -4.42
C GLU B 102 -14.76 -39.63 -3.15
N THR B 103 -13.64 -38.93 -3.30
CA THR B 103 -13.00 -38.27 -2.19
C THR B 103 -13.91 -37.24 -1.53
N ILE B 104 -14.34 -36.25 -2.31
CA ILE B 104 -15.19 -35.20 -1.77
C ILE B 104 -16.50 -35.75 -1.24
N CYS B 105 -17.09 -36.72 -1.93
CA CYS B 105 -18.35 -37.31 -1.48
C CYS B 105 -18.22 -38.01 -0.11
N LEU B 106 -17.11 -38.70 0.13
CA LEU B 106 -16.92 -39.37 1.41
C LEU B 106 -16.76 -38.33 2.51
N LEU B 107 -16.04 -37.25 2.22
CA LEU B 107 -15.82 -36.19 3.19
C LEU B 107 -17.12 -35.46 3.52
N LEU B 108 -17.92 -35.15 2.50
CA LEU B 108 -19.18 -34.45 2.73
C LEU B 108 -20.14 -35.33 3.53
N ALA B 109 -20.19 -36.62 3.18
CA ALA B 109 -21.06 -37.57 3.87
C ALA B 109 -20.70 -37.61 5.35
N TYR B 110 -19.41 -37.67 5.64
CA TYR B 110 -18.95 -37.69 7.02
C TYR B 110 -19.28 -36.37 7.73
N LYS B 111 -19.13 -35.26 7.02
CA LYS B 111 -19.46 -33.96 7.60
C LYS B 111 -20.93 -33.96 8.03
N ILE B 112 -21.79 -34.47 7.17
CA ILE B 112 -23.21 -34.52 7.46
C ILE B 112 -23.55 -35.46 8.62
N LYS B 113 -22.92 -36.62 8.66
CA LYS B 113 -23.19 -37.58 9.72
C LYS B 113 -22.64 -37.19 11.09
N TYR B 114 -21.43 -36.64 11.13
CA TYR B 114 -20.81 -36.23 12.39
C TYR B 114 -20.40 -34.75 12.29
N PRO B 115 -21.39 -33.86 12.14
CA PRO B 115 -21.19 -32.41 12.00
C PRO B 115 -20.45 -31.68 13.10
N GLU B 116 -20.32 -32.30 14.26
CA GLU B 116 -19.64 -31.68 15.39
C GLU B 116 -18.30 -32.33 15.66
N ASN B 117 -17.91 -33.30 14.85
CA ASN B 117 -16.64 -34.00 15.05
C ASN B 117 -15.84 -34.20 13.78
N PHE B 118 -16.31 -33.61 12.67
CA PHE B 118 -15.63 -33.75 11.39
C PHE B 118 -15.65 -32.38 10.73
N PHE B 119 -14.45 -31.86 10.42
CA PHE B 119 -14.33 -30.52 9.84
C PHE B 119 -13.46 -30.42 8.58
N LEU B 120 -13.93 -29.62 7.65
CA LEU B 120 -13.24 -29.38 6.38
C LEU B 120 -13.00 -27.89 6.16
N LEU B 121 -11.78 -27.53 5.83
CA LEU B 121 -11.43 -26.14 5.54
C LEU B 121 -11.37 -26.00 4.02
N ARG B 122 -11.31 -24.76 3.55
CA ARG B 122 -11.24 -24.48 2.13
C ARG B 122 -9.81 -24.39 1.67
N GLY B 123 -9.52 -24.99 0.51
CA GLY B 123 -8.19 -24.94 -0.06
C GLY B 123 -8.28 -24.11 -1.33
N ASN B 124 -7.15 -23.79 -1.96
CA ASN B 124 -7.21 -22.99 -3.18
C ASN B 124 -7.85 -23.76 -4.33
N HIS B 125 -7.93 -25.08 -4.21
CA HIS B 125 -8.54 -25.89 -5.26
C HIS B 125 -10.07 -26.00 -5.14
N GLU B 126 -10.62 -25.58 -4.02
CA GLU B 126 -12.07 -25.59 -3.83
C GLU B 126 -12.52 -24.23 -4.36
N CYS B 127 -12.18 -23.98 -5.61
CA CYS B 127 -12.50 -22.73 -6.29
C CYS B 127 -12.70 -23.05 -7.77
N ALA B 128 -13.84 -22.61 -8.31
CA ALA B 128 -14.20 -22.86 -9.71
C ALA B 128 -13.12 -22.59 -10.76
N SER B 129 -12.49 -21.44 -10.71
CA SER B 129 -11.48 -21.12 -11.71
C SER B 129 -10.24 -22.01 -11.67
N ILE B 130 -10.01 -22.64 -10.52
CA ILE B 130 -8.86 -23.52 -10.37
C ILE B 130 -9.25 -24.94 -10.72
N ASN B 131 -10.35 -25.45 -10.15
CA ASN B 131 -10.75 -26.82 -10.45
C ASN B 131 -11.32 -27.01 -11.83
N ARG B 132 -11.46 -25.90 -12.56
CA ARG B 132 -11.92 -25.91 -13.94
C ARG B 132 -10.72 -26.39 -14.77
N ILE B 133 -9.54 -25.95 -14.33
CA ILE B 133 -8.26 -26.28 -14.98
C ILE B 133 -7.60 -27.59 -14.57
N TYR B 134 -7.50 -27.82 -13.27
CA TYR B 134 -6.78 -29.00 -12.78
C TYR B 134 -7.40 -30.38 -12.61
N GLY B 135 -8.55 -30.63 -13.23
CA GLY B 135 -9.11 -31.96 -13.13
C GLY B 135 -10.54 -32.20 -12.74
N PHE B 136 -11.00 -31.54 -11.69
CA PHE B 136 -12.36 -31.73 -11.20
C PHE B 136 -13.46 -31.47 -12.22
N TYR B 137 -13.35 -30.37 -12.95
CA TYR B 137 -14.33 -30.03 -13.97
C TYR B 137 -14.43 -31.18 -14.97
N ASP B 138 -13.29 -31.62 -15.49
CA ASP B 138 -13.26 -32.71 -16.47
C ASP B 138 -13.87 -33.99 -15.91
N GLU B 139 -13.59 -34.30 -14.64
CA GLU B 139 -14.14 -35.49 -14.00
C GLU B 139 -15.66 -35.44 -13.89
N CYS B 140 -16.20 -34.30 -13.45
CA CYS B 140 -17.65 -34.15 -13.33
C CYS B 140 -18.31 -34.26 -14.68
N LYS B 141 -17.73 -33.61 -15.68
CA LYS B 141 -18.26 -33.61 -17.03
C LYS B 141 -18.32 -35.02 -17.62
N ARG B 142 -17.25 -35.79 -17.43
CA ARG B 142 -17.18 -37.15 -17.98
C ARG B 142 -18.09 -38.15 -17.28
N ARG B 143 -18.19 -38.05 -15.96
CA ARG B 143 -19.01 -38.99 -15.20
C ARG B 143 -20.45 -38.54 -14.99
N TYR B 144 -20.69 -37.23 -14.95
CA TYR B 144 -22.04 -36.71 -14.75
C TYR B 144 -22.30 -35.56 -15.72
N ASN B 145 -22.17 -34.32 -15.24
CA ASN B 145 -22.37 -33.15 -16.09
C ASN B 145 -21.89 -31.84 -15.46
N ILE B 146 -21.80 -30.81 -16.29
CA ILE B 146 -21.36 -29.48 -15.89
C ILE B 146 -22.24 -28.93 -14.78
N LYS B 147 -23.53 -29.24 -14.85
CA LYS B 147 -24.49 -28.77 -13.88
C LYS B 147 -24.16 -29.22 -12.46
N LEU B 148 -23.67 -30.45 -12.32
CA LEU B 148 -23.30 -30.97 -11.01
C LEU B 148 -22.07 -30.24 -10.50
N TRP B 149 -21.17 -29.91 -11.42
CA TRP B 149 -19.96 -29.18 -11.08
C TRP B 149 -20.35 -27.82 -10.50
N LYS B 150 -21.36 -27.18 -11.06
CA LYS B 150 -21.80 -25.88 -10.56
C LYS B 150 -22.39 -26.01 -9.16
N THR B 151 -23.00 -27.16 -8.88
CA THR B 151 -23.59 -27.42 -7.57
C THR B 151 -22.44 -27.50 -6.55
N PHE B 152 -21.36 -28.16 -6.95
CA PHE B 152 -20.19 -28.30 -6.10
C PHE B 152 -19.56 -26.95 -5.82
N THR B 153 -19.42 -26.14 -6.86
CA THR B 153 -18.84 -24.81 -6.72
C THR B 153 -19.60 -24.01 -5.65
N ASP B 154 -20.92 -24.05 -5.70
CA ASP B 154 -21.75 -23.33 -4.74
C ASP B 154 -21.52 -23.81 -3.31
N CYS B 155 -21.31 -25.11 -3.16
CA CYS B 155 -21.03 -25.71 -1.86
C CYS B 155 -19.66 -25.25 -1.38
N PHE B 156 -18.68 -25.35 -2.27
CA PHE B 156 -17.31 -24.95 -1.96
C PHE B 156 -17.22 -23.49 -1.50
N ASN B 157 -18.05 -22.64 -2.08
CA ASN B 157 -18.04 -21.22 -1.73
C ASN B 157 -18.48 -20.94 -0.31
N CYS B 158 -19.02 -21.95 0.36
CA CYS B 158 -19.51 -21.78 1.72
C CYS B 158 -18.62 -22.44 2.77
N LEU B 159 -17.49 -22.99 2.34
CA LEU B 159 -16.58 -23.66 3.26
C LEU B 159 -15.92 -22.69 4.23
N PRO B 160 -15.67 -23.14 5.47
CA PRO B 160 -15.03 -22.26 6.45
C PRO B 160 -13.56 -22.07 6.02
N ILE B 161 -12.94 -20.98 6.47
CA ILE B 161 -11.57 -20.63 6.07
C ILE B 161 -10.41 -20.97 7.00
N ALA B 162 -10.63 -20.90 8.30
CA ALA B 162 -9.57 -21.18 9.24
C ALA B 162 -10.12 -21.80 10.50
N ALA B 163 -9.23 -22.33 11.33
CA ALA B 163 -9.62 -22.93 12.59
C ALA B 163 -8.56 -22.64 13.65
N ILE B 164 -9.00 -22.60 14.90
CA ILE B 164 -8.10 -22.38 16.03
C ILE B 164 -8.41 -23.52 16.98
N VAL B 165 -7.42 -24.37 17.21
CA VAL B 165 -7.57 -25.51 18.10
C VAL B 165 -7.06 -25.14 19.50
N ASP B 166 -7.94 -25.22 20.49
CA ASP B 166 -7.63 -24.92 21.90
C ASP B 166 -6.95 -23.58 22.13
N GLU B 167 -7.34 -22.58 21.34
CA GLU B 167 -6.75 -21.25 21.44
C GLU B 167 -5.23 -21.21 21.25
N LYS B 168 -4.63 -22.31 20.77
CA LYS B 168 -3.19 -22.33 20.60
C LYS B 168 -2.66 -22.67 19.21
N ILE B 169 -3.43 -23.41 18.42
CA ILE B 169 -2.98 -23.76 17.09
C ILE B 169 -3.87 -23.09 16.05
N PHE B 170 -3.27 -22.29 15.18
CA PHE B 170 -4.01 -21.63 14.11
C PHE B 170 -3.86 -22.47 12.85
N CYS B 171 -4.97 -22.82 12.23
CA CYS B 171 -4.96 -23.66 11.05
C CYS B 171 -5.62 -22.96 9.87
N CYS B 172 -4.98 -23.09 8.72
CA CYS B 172 -5.49 -22.53 7.47
C CYS B 172 -4.78 -23.28 6.35
N HIS B 173 -5.25 -23.11 5.12
CA HIS B 173 -4.66 -23.83 4.00
C HIS B 173 -3.28 -23.40 3.52
N GLY B 174 -3.17 -22.13 3.13
CA GLY B 174 -1.92 -21.60 2.64
C GLY B 174 -1.06 -21.01 3.74
N GLY B 175 -1.47 -19.88 4.29
CA GLY B 175 -0.68 -19.28 5.34
C GLY B 175 -1.09 -17.86 5.67
N LEU B 176 -0.11 -17.08 6.09
CA LEU B 176 -0.32 -15.70 6.49
C LEU B 176 -0.55 -14.69 5.35
N SER B 177 -1.09 -13.55 5.74
CA SER B 177 -1.38 -12.47 4.83
C SER B 177 -0.89 -11.18 5.48
N PRO B 178 -0.34 -10.25 4.69
CA PRO B 178 0.15 -8.97 5.20
C PRO B 178 -1.01 -8.16 5.78
N ASP B 179 -2.22 -8.40 5.27
CA ASP B 179 -3.41 -7.69 5.73
C ASP B 179 -4.09 -8.30 6.93
N LEU B 180 -3.60 -9.43 7.42
CA LEU B 180 -4.23 -10.06 8.57
C LEU B 180 -3.77 -9.40 9.87
N GLN B 181 -4.58 -8.48 10.37
CA GLN B 181 -4.26 -7.80 11.62
C GLN B 181 -5.11 -8.26 12.77
N SER B 182 -6.30 -8.77 12.48
CA SER B 182 -7.20 -9.22 13.53
C SER B 182 -7.99 -10.44 13.10
N MET B 183 -8.25 -11.36 14.03
CA MET B 183 -9.04 -12.55 13.73
C MET B 183 -10.43 -12.11 13.31
N GLU B 184 -10.80 -10.90 13.70
CA GLU B 184 -12.08 -10.31 13.38
C GLU B 184 -12.28 -10.16 11.88
N GLN B 185 -11.19 -9.89 11.17
CA GLN B 185 -11.25 -9.73 9.72
C GLN B 185 -11.73 -11.00 9.02
N ILE B 186 -11.36 -12.15 9.57
CA ILE B 186 -11.75 -13.44 9.00
C ILE B 186 -13.23 -13.67 9.28
N ARG B 187 -13.67 -13.30 10.48
CA ARG B 187 -15.07 -13.47 10.87
C ARG B 187 -16.03 -12.61 10.07
N ARG B 188 -15.55 -11.52 9.50
CA ARG B 188 -16.40 -10.63 8.74
C ARG B 188 -16.60 -11.06 7.29
N ILE B 189 -15.86 -12.07 6.87
CA ILE B 189 -15.97 -12.55 5.50
C ILE B 189 -17.32 -13.20 5.31
N MET B 190 -18.07 -12.70 4.35
CA MET B 190 -19.40 -13.25 4.09
C MET B 190 -19.41 -14.38 3.08
N ARG B 191 -20.21 -15.40 3.37
CA ARG B 191 -20.34 -16.56 2.51
C ARG B 191 -21.75 -16.59 1.94
N PRO B 192 -21.93 -17.14 0.73
CA PRO B 192 -20.87 -17.69 -0.12
C PRO B 192 -19.98 -16.62 -0.76
N THR B 193 -18.75 -17.00 -1.04
CA THR B 193 -17.79 -16.09 -1.63
C THR B 193 -16.86 -16.91 -2.52
N ASP B 194 -16.34 -16.27 -3.55
CA ASP B 194 -15.39 -16.93 -4.44
C ASP B 194 -14.07 -16.33 -3.98
N VAL B 195 -12.95 -16.92 -4.39
CA VAL B 195 -11.65 -16.42 -4.00
C VAL B 195 -11.14 -15.34 -4.97
N PRO B 196 -10.85 -14.14 -4.46
CA PRO B 196 -10.37 -13.04 -5.31
C PRO B 196 -8.92 -13.27 -5.73
N ASP B 197 -8.42 -12.46 -6.66
CA ASP B 197 -7.04 -12.61 -7.11
C ASP B 197 -6.03 -11.94 -6.20
N GLN B 198 -6.51 -11.38 -5.09
CA GLN B 198 -5.64 -10.75 -4.11
C GLN B 198 -6.43 -10.35 -2.88
N GLY B 199 -5.74 -10.19 -1.77
CA GLY B 199 -6.40 -9.82 -0.54
C GLY B 199 -6.28 -10.92 0.48
N LEU B 200 -6.85 -10.68 1.65
CA LEU B 200 -6.81 -11.60 2.78
C LEU B 200 -7.22 -13.02 2.43
N LEU B 201 -8.40 -13.17 1.86
CA LEU B 201 -8.93 -14.49 1.50
C LEU B 201 -8.04 -15.22 0.50
N CYS B 202 -7.36 -14.48 -0.37
CA CYS B 202 -6.47 -15.08 -1.35
C CYS B 202 -5.19 -15.58 -0.67
N ASP B 203 -4.61 -14.74 0.16
CA ASP B 203 -3.38 -15.07 0.86
C ASP B 203 -3.52 -16.27 1.79
N LEU B 204 -4.60 -16.33 2.55
CA LEU B 204 -4.82 -17.43 3.48
C LEU B 204 -4.87 -18.78 2.78
N LEU B 205 -5.26 -18.77 1.51
CA LEU B 205 -5.37 -20.00 0.73
C LEU B 205 -4.19 -20.24 -0.23
N TRP B 206 -3.40 -19.19 -0.49
CA TRP B 206 -2.28 -19.30 -1.42
C TRP B 206 -0.84 -19.09 -0.95
N SER B 207 -0.60 -18.40 0.16
CA SER B 207 0.78 -18.13 0.58
C SER B 207 1.62 -19.33 1.05
N ASP B 208 2.94 -19.15 1.09
CA ASP B 208 3.88 -20.19 1.51
C ASP B 208 5.03 -19.61 2.32
N PRO B 209 5.55 -20.38 3.28
CA PRO B 209 6.67 -19.93 4.09
C PRO B 209 7.94 -20.07 3.23
N ASP B 210 8.96 -19.26 3.51
CA ASP B 210 10.20 -19.32 2.73
C ASP B 210 11.41 -18.97 3.60
N LYS B 211 12.27 -19.95 3.81
CA LYS B 211 13.45 -19.75 4.63
C LYS B 211 14.38 -18.61 4.19
N ASP B 212 14.33 -18.25 2.92
CA ASP B 212 15.19 -17.19 2.39
C ASP B 212 14.57 -15.80 2.22
N VAL B 213 13.29 -15.65 2.55
CA VAL B 213 12.68 -14.34 2.38
C VAL B 213 12.78 -13.59 3.69
N LEU B 214 13.03 -12.29 3.62
CA LEU B 214 13.11 -11.47 4.82
C LEU B 214 11.84 -10.65 4.83
N GLY B 215 10.88 -11.09 5.63
CA GLY B 215 9.61 -10.40 5.69
C GLY B 215 8.63 -11.04 4.74
N TRP B 216 8.27 -10.31 3.68
CA TRP B 216 7.32 -10.80 2.69
C TRP B 216 7.97 -10.74 1.32
N GLY B 217 7.57 -11.64 0.43
CA GLY B 217 8.14 -11.67 -0.90
C GLY B 217 7.13 -12.16 -1.93
N GLU B 218 7.52 -12.19 -3.19
CA GLU B 218 6.65 -12.66 -4.27
C GLU B 218 6.58 -14.18 -4.20
N ASN B 219 5.45 -14.74 -4.56
CA ASN B 219 5.28 -16.18 -4.54
C ASN B 219 5.37 -16.71 -5.97
N ASP B 220 6.16 -17.77 -6.16
CA ASP B 220 6.35 -18.37 -7.49
C ASP B 220 5.06 -18.89 -8.12
N ARG B 221 4.04 -19.16 -7.32
CA ARG B 221 2.78 -19.66 -7.83
C ARG B 221 2.09 -18.65 -8.75
N GLY B 222 2.51 -17.39 -8.68
CA GLY B 222 1.91 -16.38 -9.54
C GLY B 222 0.87 -15.52 -8.87
N VAL B 223 0.68 -15.70 -7.56
CA VAL B 223 -0.29 -14.94 -6.78
C VAL B 223 0.17 -14.99 -5.31
N SER B 224 -0.33 -14.09 -4.48
CA SER B 224 0.01 -14.03 -3.06
C SER B 224 1.48 -13.76 -2.73
N PHE B 225 1.92 -14.16 -1.54
CA PHE B 225 3.28 -13.92 -1.08
C PHE B 225 3.89 -15.12 -0.42
N THR B 226 5.14 -14.95 -0.04
CA THR B 226 5.91 -15.94 0.71
C THR B 226 6.22 -15.13 1.98
N PHE B 227 6.36 -15.80 3.11
CA PHE B 227 6.65 -15.09 4.35
C PHE B 227 7.80 -15.70 5.14
N GLY B 228 8.54 -14.83 5.84
CA GLY B 228 9.69 -15.27 6.63
C GLY B 228 9.37 -15.78 8.02
N ALA B 229 10.36 -16.42 8.62
CA ALA B 229 10.24 -16.99 9.97
C ALA B 229 9.90 -15.93 11.02
N GLU B 230 10.53 -14.76 10.93
CA GLU B 230 10.30 -13.69 11.87
C GLU B 230 8.89 -13.12 11.80
N VAL B 231 8.25 -13.28 10.64
CA VAL B 231 6.89 -12.81 10.46
C VAL B 231 5.96 -13.78 11.19
N VAL B 232 6.33 -15.06 11.20
CA VAL B 232 5.56 -16.09 11.90
C VAL B 232 5.59 -15.81 13.40
N ALA B 233 6.80 -15.61 13.92
CA ALA B 233 7.01 -15.32 15.34
C ALA B 233 6.20 -14.07 15.75
N LYS B 234 6.21 -13.06 14.89
CA LYS B 234 5.48 -11.82 15.17
C LYS B 234 3.98 -12.07 15.27
N PHE B 235 3.48 -12.92 14.37
CA PHE B 235 2.07 -13.27 14.33
C PHE B 235 1.66 -14.07 15.56
N LEU B 236 2.45 -15.08 15.90
CA LEU B 236 2.17 -15.94 17.03
C LEU B 236 2.11 -15.16 18.33
N HIS B 237 3.05 -14.23 18.52
CA HIS B 237 3.07 -13.43 19.73
C HIS B 237 1.89 -12.46 19.82
N LYS B 238 1.55 -11.83 18.71
CA LYS B 238 0.45 -10.87 18.70
C LYS B 238 -0.89 -11.49 19.05
N HIS B 239 -1.11 -12.72 18.62
CA HIS B 239 -2.39 -13.38 18.86
C HIS B 239 -2.36 -14.45 19.94
N ASP B 240 -1.19 -14.60 20.58
CA ASP B 240 -0.99 -15.56 21.66
C ASP B 240 -1.23 -17.01 21.25
N LEU B 241 -0.63 -17.41 20.13
CA LEU B 241 -0.76 -18.77 19.62
C LEU B 241 0.60 -19.44 19.76
N ASP B 242 0.63 -20.76 19.62
CA ASP B 242 1.88 -21.51 19.74
C ASP B 242 2.35 -22.11 18.43
N LEU B 243 1.41 -22.41 17.53
CA LEU B 243 1.79 -23.04 16.28
C LEU B 243 0.84 -22.68 15.15
N ILE B 244 1.39 -22.68 13.93
CA ILE B 244 0.62 -22.42 12.73
C ILE B 244 0.66 -23.74 11.98
N CYS B 245 -0.51 -24.24 11.59
CA CYS B 245 -0.59 -25.50 10.87
C CYS B 245 -1.21 -25.27 9.50
N ARG B 246 -0.49 -25.62 8.45
CA ARG B 246 -0.98 -25.41 7.10
C ARG B 246 -0.61 -26.57 6.18
N ALA B 247 -1.13 -26.57 4.96
CA ALA B 247 -0.86 -27.63 4.00
C ALA B 247 -0.38 -26.95 2.71
N HIS B 248 -1.10 -27.15 1.59
CA HIS B 248 -0.79 -26.45 0.34
C HIS B 248 0.53 -26.78 -0.42
N GLN B 249 1.61 -27.06 0.31
CA GLN B 249 2.90 -27.31 -0.32
C GLN B 249 3.35 -28.76 -0.17
N VAL B 250 3.71 -29.40 -1.28
CA VAL B 250 4.14 -30.80 -1.22
C VAL B 250 5.53 -30.85 -0.62
N VAL B 251 5.69 -31.67 0.42
CA VAL B 251 6.97 -31.84 1.09
C VAL B 251 7.27 -33.33 1.09
N GLU B 252 8.53 -33.67 0.83
CA GLU B 252 8.94 -35.07 0.74
C GLU B 252 8.58 -36.00 1.90
N ASP B 253 8.68 -35.51 3.13
CA ASP B 253 8.38 -36.33 4.29
C ASP B 253 6.94 -36.35 4.76
N GLY B 254 6.07 -35.63 4.07
CA GLY B 254 4.68 -35.59 4.48
C GLY B 254 4.41 -34.43 5.42
N TYR B 255 5.39 -34.11 6.25
CA TYR B 255 5.27 -32.98 7.17
C TYR B 255 6.61 -32.25 7.16
N GLU B 256 6.60 -30.98 7.55
CA GLU B 256 7.81 -30.20 7.58
C GLU B 256 7.67 -28.99 8.50
N PHE B 257 8.59 -28.87 9.45
CA PHE B 257 8.58 -27.76 10.38
C PHE B 257 9.29 -26.55 9.79
N PHE B 258 8.90 -25.36 10.26
CA PHE B 258 9.48 -24.13 9.78
C PHE B 258 9.59 -23.17 10.97
N ALA B 259 10.59 -22.30 10.94
CA ALA B 259 10.79 -21.31 12.01
C ALA B 259 10.87 -21.91 13.41
N LYS B 260 11.97 -22.59 13.72
CA LYS B 260 12.16 -23.22 15.03
C LYS B 260 10.92 -24.00 15.46
N ARG B 261 10.30 -24.72 14.53
CA ARG B 261 9.11 -25.52 14.83
C ARG B 261 7.85 -24.73 15.22
N GLN B 262 7.74 -23.49 14.76
CA GLN B 262 6.56 -22.68 15.09
C GLN B 262 5.45 -22.87 14.05
N LEU B 263 5.77 -23.52 12.94
CA LEU B 263 4.80 -23.77 11.87
C LEU B 263 5.06 -25.13 11.26
N VAL B 264 4.00 -25.82 10.87
CA VAL B 264 4.13 -27.12 10.25
C VAL B 264 3.29 -27.21 8.98
N THR B 265 3.89 -27.78 7.94
CA THR B 265 3.24 -28.00 6.66
C THR B 265 2.83 -29.47 6.63
N LEU B 266 1.58 -29.74 6.28
CA LEU B 266 1.08 -31.09 6.21
C LEU B 266 0.62 -31.34 4.77
N PHE B 267 0.98 -32.49 4.25
CA PHE B 267 0.59 -32.87 2.90
C PHE B 267 0.25 -34.33 3.03
N SER B 268 -0.99 -34.70 2.71
CA SER B 268 -1.39 -36.08 2.87
C SER B 268 -1.50 -36.97 1.63
N ALA B 269 -1.16 -36.43 0.46
CA ALA B 269 -1.25 -37.23 -0.77
C ALA B 269 0.09 -37.83 -1.18
N PRO B 270 0.32 -39.13 -0.88
CA PRO B 270 1.58 -39.79 -1.24
C PRO B 270 1.80 -39.88 -2.75
N ASN B 271 3.06 -39.79 -3.16
CA ASN B 271 3.45 -39.86 -4.56
C ASN B 271 2.57 -38.93 -5.40
N TYR B 272 2.54 -37.67 -4.98
CA TYR B 272 1.75 -36.62 -5.61
C TYR B 272 1.90 -36.56 -7.13
N CYS B 273 0.76 -36.48 -7.83
CA CYS B 273 0.73 -36.41 -9.29
C CYS B 273 1.48 -37.56 -9.99
N GLY B 274 1.81 -38.58 -9.20
CA GLY B 274 2.52 -39.72 -9.75
C GLY B 274 3.96 -39.43 -10.12
N GLU B 275 4.56 -38.40 -9.51
CA GLU B 275 5.95 -38.09 -9.82
C GLU B 275 6.87 -37.80 -8.63
N PHE B 276 6.36 -37.09 -7.63
CA PHE B 276 7.18 -36.81 -6.44
C PHE B 276 7.06 -38.09 -5.62
N ASP B 277 8.14 -38.56 -5.01
CA ASP B 277 8.04 -39.78 -4.22
C ASP B 277 7.80 -39.41 -2.77
N ASN B 278 7.00 -38.36 -2.58
CA ASN B 278 6.71 -37.87 -1.25
C ASN B 278 5.82 -38.81 -0.46
N ALA B 279 5.91 -38.72 0.85
CA ALA B 279 5.08 -39.51 1.74
C ALA B 279 3.92 -38.60 2.06
N GLY B 280 2.91 -39.15 2.74
CA GLY B 280 1.78 -38.35 3.14
C GLY B 280 1.84 -38.38 4.64
N ALA B 281 1.40 -37.33 5.31
CA ALA B 281 1.44 -37.34 6.77
C ALA B 281 0.15 -36.83 7.37
N MET B 282 -0.04 -37.20 8.62
CA MET B 282 -1.21 -36.83 9.39
C MET B 282 -0.69 -36.47 10.77
N MET B 283 -1.29 -35.46 11.38
CA MET B 283 -0.86 -35.02 12.70
C MET B 283 -1.94 -35.24 13.76
N SER B 284 -1.58 -35.94 14.83
CA SER B 284 -2.51 -36.20 15.92
C SER B 284 -2.21 -35.22 17.04
N VAL B 285 -3.28 -34.61 17.57
CA VAL B 285 -3.12 -33.65 18.66
C VAL B 285 -3.92 -34.22 19.81
N ASP B 286 -3.25 -34.56 20.91
CA ASP B 286 -4.01 -35.08 22.05
C ASP B 286 -4.40 -33.95 23.00
N GLU B 287 -5.11 -34.29 24.06
CA GLU B 287 -5.57 -33.27 25.02
C GLU B 287 -4.49 -32.33 25.57
N THR B 288 -3.25 -32.78 25.62
CA THR B 288 -2.16 -31.95 26.14
C THR B 288 -1.39 -31.26 25.04
N LEU B 289 -2.03 -31.13 23.88
CA LEU B 289 -1.46 -30.50 22.70
C LEU B 289 -0.10 -31.11 22.33
N MET B 290 0.00 -32.41 22.58
CA MET B 290 1.20 -33.16 22.23
C MET B 290 0.93 -33.57 20.80
N CYS B 291 1.87 -33.26 19.90
CA CYS B 291 1.73 -33.60 18.49
C CYS B 291 2.65 -34.75 18.08
N SER B 292 2.08 -35.72 17.38
CA SER B 292 2.82 -36.87 16.88
C SER B 292 2.45 -37.04 15.40
N PHE B 293 3.34 -37.60 14.60
CA PHE B 293 3.05 -37.77 13.19
C PHE B 293 2.93 -39.21 12.74
N GLN B 294 1.99 -39.45 11.83
CA GLN B 294 1.74 -40.77 11.28
C GLN B 294 2.00 -40.61 9.80
N ILE B 295 2.98 -41.35 9.30
CA ILE B 295 3.38 -41.26 7.90
C ILE B 295 2.85 -42.36 7.00
N LEU B 296 2.41 -41.97 5.82
CA LEU B 296 1.91 -42.88 4.79
C LEU B 296 2.94 -42.91 3.69
N LYS B 297 3.56 -44.05 3.45
CA LYS B 297 4.52 -44.12 2.35
C LYS B 297 3.71 -44.49 1.12
N PRO B 298 4.14 -44.04 -0.08
CA PRO B 298 3.39 -44.37 -1.31
C PRO B 298 3.19 -45.88 -1.44
N ALA B 299 1.92 -46.29 -1.58
CA ALA B 299 1.55 -47.70 -1.71
C ALA B 299 2.25 -48.44 -2.86
MN MN C . 12.75 23.81 -7.86
MN MN D . 14.26 26.73 -7.97
P1 CYU E . 16.26 21.42 -10.74
O1 CYU E . 20.94 23.86 -15.77
O2 CYU E . 18.72 23.96 -12.27
O3 CYU E . 21.24 21.23 -12.74
O4 CYU E . 17.63 20.62 -10.79
O5 CYU E . 15.18 20.44 -10.99
O6 CYU E . 16.19 21.96 -9.30
O7 CYU E . 16.31 22.54 -11.71
O8 CYU E . 20.31 18.98 -11.57
O9 CYU E . 22.69 17.65 -10.38
O10 CYU E . 19.64 19.12 -9.29
O11 CYU E . 25.80 23.62 -6.77
N1 CYU E . 15.23 33.99 -18.61
N2 CYU E . 24.71 21.75 -6.37
C1 CYU E . 16.14 34.24 -17.88
C2 CYU E . 17.28 34.20 -17.08
C3 CYU E . 18.10 33.02 -16.82
C4 CYU E . 17.64 31.61 -17.49
C5 CYU E . 18.69 30.68 -16.97
C6 CYU E . 18.26 29.24 -17.53
C7 CYU E . 19.15 28.16 -17.12
C8 CYU E . 18.64 26.84 -17.64
C9 CYU E . 19.52 25.92 -17.26
C10 CYU E . 19.01 24.40 -17.43
C11 CYU E . 19.50 23.67 -15.98
C12 CYU E . 18.72 24.29 -14.73
C13 CYU E . 19.38 23.48 -13.42
C14 CYU E . 19.14 21.93 -13.57
C15 CYU E . 19.82 21.27 -12.34
C16 CYU E . 19.34 19.81 -12.28
C17 CYU E . 17.94 19.53 -11.68
C18 CYU E . 18.14 18.16 -10.95
C19 CYU E . 19.66 18.27 -10.56
C20 CYU E . 20.35 16.89 -10.21
C21 CYU E . 21.78 17.11 -9.54
C22 CYU E . 21.52 18.02 -8.20
C23 CYU E . 21.01 19.33 -8.78
C24 CYU E . 20.70 20.27 -7.54
C25 CYU E . 21.99 20.98 -7.00
C26 CYU E . 22.40 22.16 -7.36
C27 CYU E . 23.74 22.56 -7.06
C29 CYU E . 25.90 22.33 -6.20
C28 CYU E . 24.51 23.72 -7.26
C30 CYU E . 27.00 22.35 -5.32
C31 CYU E . 27.92 21.08 -5.74
C32 CYU E . 28.36 21.36 -7.29
C41 CYU E . 26.47 22.29 -3.89
C42 CYU E . 20.69 17.30 -7.17
C43 CYU E . 18.01 17.03 -11.98
C44 CYU E . 17.06 18.02 -9.79
C45 CYU E . 22.13 21.59 -11.60
C46 CYU E . 17.17 23.89 -14.81
C47 CYU E . 19.85 23.69 -18.52
C48 CYU E . 17.36 26.57 -18.39
C49 CYU E . 20.52 28.50 -16.43
C50 CYU E . 19.05 33.33 -15.65
MN MN F . -2.49 -28.60 -3.05
MN MN G . -3.22 -25.74 -2.14
P1 CYU H . 0.68 -27.29 -6.76
O1 CYU H . 1.35 -21.21 -10.69
O2 CYU H . 0.53 -23.57 -7.38
O3 CYU H . 4.00 -23.66 -8.90
O4 CYU H . 2.21 -27.00 -7.09
O5 CYU H . 0.37 -28.63 -7.33
O6 CYU H . 0.62 -27.33 -5.20
O7 CYU H . -0.14 -26.18 -7.28
O8 CYU H . 4.97 -26.15 -8.56
O9 CYU H . 7.89 -25.72 -7.96
O10 CYU H . 4.97 -27.04 -6.36
O11 CYU H . 7.63 -20.39 -2.74
N1 CYU H . -9.83 -17.05 -10.29
N2 CYU H . 8.00 -22.54 -2.88
C1 CYU H . -9.23 -16.53 -9.39
C2 CYU H . -8.23 -16.12 -8.50
C3 CYU H . -6.84 -16.55 -8.51
C4 CYU H . -6.44 -17.62 -9.66
C5 CYU H . -5.01 -17.77 -9.39
C6 CYU H . -4.51 -18.88 -10.44
C7 CYU H . -3.08 -19.15 -10.36
C8 CYU H . -2.74 -20.25 -11.30
C9 CYU H . -1.41 -20.37 -11.29
C10 CYU H . -0.84 -21.68 -12.00
C11 CYU H . 0.36 -22.25 -10.95
C12 CYU H . -0.28 -22.70 -9.55
C13 CYU H . 1.04 -23.14 -8.63
C14 CYU H . 1.78 -24.35 -9.34
C15 CYU H . 3.02 -24.66 -8.46
C16 CYU H . 3.56 -26.04 -8.88
C17 CYU H . 2.84 -27.32 -8.35
C18 CYU H . 4.04 -28.32 -8.20
C19 CYU H . 5.20 -27.32 -7.85
C20 CYU H . 6.67 -27.90 -8.01
C21 CYU H . 7.76 -26.93 -7.35
C22 CYU H . 7.33 -26.80 -5.76
C23 CYU H . 5.98 -26.09 -5.84
C24 CYU H . 5.47 -25.94 -4.34
C25 CYU H . 6.18 -24.74 -3.61
C26 CYU H . 5.74 -23.52 -3.60
C27 CYU H . 6.61 -22.43 -3.24
C29 CYU H . 8.61 -21.40 -2.59
C28 CYU H . 6.47 -21.04 -3.13
C30 CYU H . 9.64 -20.86 -1.82
C31 CYU H . 10.88 -20.64 -2.85
C32 CYU H . 10.35 -19.55 -3.95
C41 CYU H . 9.94 -21.85 -0.69
C42 CYU H . 7.44 -28.11 -5.02
C43 CYU H . 4.34 -28.93 -9.59
C44 CYU H . 3.63 -29.44 -7.14
C45 CYU H . 4.76 -23.11 -7.71
C46 CYU H . -1.18 -24.01 -9.76
C47 CYU H . -0.05 -21.28 -13.29
C48 CYU H . -3.70 -21.14 -12.07
C49 CYU H . -2.16 -18.16 -9.56
C50 CYU H . -6.16 -16.14 -7.20
#